data_6Y1N
#
_entry.id   6Y1N
#
_cell.length_a   86.528
_cell.length_b   86.528
_cell.length_c   104.874
_cell.angle_alpha   90.000
_cell.angle_beta   90.000
_cell.angle_gamma   90.000
#
_symmetry.space_group_name_H-M   'P 41 21 2'
#
loop_
_entity.id
_entity.type
_entity.pdbx_description
1 polymer 'FAB A.5 Heavy chain'
2 polymer 'FAB A.5 Light Chain'
3 non-polymer '8-METHYL-8-AZABICYCLO[3.2.1]OCTAN-3-YL PHENYLPHOSPHONATE'
4 water water
#
loop_
_entity_poly.entity_id
_entity_poly.type
_entity_poly.pdbx_seq_one_letter_code
_entity_poly.pdbx_strand_id
1 'polypeptide(L)'
;QVQLQESGPGLVKPSQTLSLTCTVSGGSISSGGYYWSWIRQHPGKGLEWIGYIYYSGSTYYNPSLKSRVTISVDTSKNQF
SLKLSSVTAADTAVYYCARFGTRGNTHWGQGTLVTVSSASTKGPSVFPLAPSSKSTSGGTAALGCLVKDYFPEPVTVSWN
SGALTSGVHTFPAVLQSSGLYSLSSVVTVPSSSLGTQTYICNVNHKPSNTKVDKKVEPKSCLAMDYKDHDGDYKDHDIDY
KDDDDKVDHHHHHH
;
H
2 'polypeptide(L)'
;QSVLTQPPSASGTPGQRVTISCSGSSSNIGSNYVDWYQQLPGTAPKLLIYRNNQRPSGVPDRFSGSKSGTSASLAISGLR
SEDEADYYCAAWDDSLGTVFGGGTKLEIKRTVAAPSVFIFPPSDEQLKSGTASVVCLLNNFYPREAKVQWKVDNALQSGN
SQESVTEQDSKDSTYSLSSTLTLSKADYEKHKVYACEVTHQGLSSPVTKSFNRGECIDAAAAASFLEQKLISEEDLNSAV
DHHHHHH
;
L
#
# COMPACT_ATOMS: atom_id res chain seq x y z
N VAL A 2 -9.23 -14.24 17.91
CA VAL A 2 -9.68 -12.87 18.14
C VAL A 2 -9.57 -12.06 16.84
N GLN A 3 -10.50 -11.14 16.64
CA GLN A 3 -10.44 -10.21 15.51
C GLN A 3 -10.60 -8.78 16.00
N LEU A 4 -9.78 -7.88 15.47
CA LEU A 4 -9.81 -6.48 15.89
C LEU A 4 -10.21 -5.59 14.72
N GLN A 5 -11.12 -4.67 14.98
CA GLN A 5 -11.63 -3.77 13.94
C GLN A 5 -11.52 -2.31 14.36
N GLU A 6 -10.75 -1.53 13.60
CA GLU A 6 -10.65 -0.10 13.83
C GLU A 6 -11.87 0.61 13.25
N SER A 7 -12.21 1.75 13.82
CA SER A 7 -13.26 2.61 13.27
C SER A 7 -12.97 4.06 13.61
N GLY A 8 -13.22 4.96 12.66
CA GLY A 8 -12.98 6.37 12.85
C GLY A 8 -13.06 7.13 11.54
N PRO A 9 -12.94 8.46 11.60
CA PRO A 9 -13.01 9.31 10.41
C PRO A 9 -11.74 9.26 9.59
N GLY A 10 -11.86 9.23 8.27
CA GLY A 10 -10.69 9.24 7.41
C GLY A 10 -10.09 10.63 7.34
N LEU A 11 -10.87 11.63 7.75
CA LEU A 11 -10.45 13.02 7.67
C LEU A 11 -10.74 13.74 8.98
N VAL A 12 -9.75 14.49 9.47
CA VAL A 12 -9.86 15.20 10.73
C VAL A 12 -9.27 16.61 10.62
N LYS A 13 -9.97 17.60 11.16
CA LYS A 13 -9.49 18.97 11.15
C LYS A 13 -8.30 19.16 12.08
N PRO A 14 -7.36 20.04 11.70
CA PRO A 14 -6.22 20.39 12.56
C PRO A 14 -6.65 20.93 13.93
N SER A 15 -5.91 20.53 14.96
CA SER A 15 -6.14 20.90 16.37
C SER A 15 -7.31 20.18 17.01
N GLN A 16 -8.07 19.43 16.22
CA GLN A 16 -9.16 18.62 16.77
C GLN A 16 -8.61 17.41 17.51
N THR A 17 -9.48 16.68 18.20
CA THR A 17 -9.07 15.46 18.88
C THR A 17 -9.49 14.26 18.04
N LEU A 18 -8.53 13.37 17.78
CA LEU A 18 -8.79 12.16 17.02
C LEU A 18 -9.31 11.05 17.93
N SER A 19 -10.49 10.54 17.61
CA SER A 19 -11.08 9.45 18.39
C SER A 19 -11.22 8.18 17.54
N LEU A 20 -10.55 7.13 17.98
CA LEU A 20 -10.62 5.84 17.30
C LEU A 20 -11.01 4.75 18.29
N THR A 21 -11.85 3.81 17.84
CA THR A 21 -12.23 2.69 18.68
C THR A 21 -11.82 1.38 18.04
N CYS A 22 -11.47 0.41 18.88
CA CYS A 22 -11.12 -0.92 18.41
C CYS A 22 -12.12 -1.93 18.95
N THR A 23 -12.97 -2.45 18.07
CA THR A 23 -13.95 -3.45 18.46
C THR A 23 -13.32 -4.83 18.49
N VAL A 24 -13.38 -5.47 19.66
CA VAL A 24 -12.80 -6.80 19.83
C VAL A 24 -13.88 -7.88 19.68
N SER A 25 -13.59 -8.88 18.85
CA SER A 25 -14.50 -10.00 18.68
C SER A 25 -13.77 -11.34 18.88
N GLY A 26 -14.44 -12.29 19.50
CA GLY A 26 -13.85 -13.61 19.72
C GLY A 26 -13.20 -13.76 21.08
N GLY A 27 -13.38 -12.75 21.93
CA GLY A 27 -12.81 -12.76 23.26
C GLY A 27 -13.03 -11.44 23.98
N SER A 28 -12.93 -11.47 25.30
CA SER A 28 -13.12 -10.27 26.10
C SER A 28 -11.78 -9.56 26.33
N ILE A 29 -11.84 -8.44 27.05
CA ILE A 29 -10.66 -7.63 27.31
C ILE A 29 -10.40 -7.62 28.83
N SER A 30 -10.64 -8.76 29.45
CA SER A 30 -10.63 -8.84 30.91
C SER A 30 -9.78 -9.97 31.48
N SER A 31 -8.76 -10.40 30.73
CA SER A 31 -7.86 -11.46 31.22
C SER A 31 -6.48 -11.38 30.58
N GLY A 32 -5.48 -11.00 31.38
CA GLY A 32 -4.11 -10.94 30.90
C GLY A 32 -3.55 -12.33 30.60
N GLY A 33 -2.33 -12.38 30.09
CA GLY A 33 -1.53 -11.21 29.84
C GLY A 33 -1.52 -10.78 28.38
N TYR A 34 -2.39 -9.83 28.05
CA TYR A 34 -2.43 -9.28 26.71
C TYR A 34 -2.30 -7.76 26.77
N TYR A 35 -1.56 -7.20 25.82
CA TYR A 35 -1.39 -5.76 25.76
C TYR A 35 -2.14 -5.19 24.56
N TRP A 36 -3.28 -4.58 24.83
CA TRP A 36 -4.13 -4.05 23.78
C TRP A 36 -3.54 -2.73 23.31
N SER A 37 -3.07 -2.72 22.05
CA SER A 37 -2.17 -1.69 21.60
C SER A 37 -2.77 -0.79 20.52
N TRP A 38 -2.14 0.37 20.36
CA TRP A 38 -2.37 1.24 19.21
C TRP A 38 -1.04 1.51 18.54
N ILE A 39 -0.99 1.31 17.23
CA ILE A 39 0.22 1.57 16.46
C ILE A 39 -0.16 2.38 15.22
N ARG A 40 0.68 3.31 14.82
CA ARG A 40 0.40 4.08 13.62
C ARG A 40 1.55 3.99 12.63
N GLN A 41 1.22 4.20 11.35
CA GLN A 41 2.18 4.11 10.27
C GLN A 41 1.95 5.24 9.26
N HIS A 42 2.89 6.17 9.17
CA HIS A 42 2.82 7.22 8.18
C HIS A 42 2.91 6.60 6.79
N PRO A 43 2.15 7.14 5.81
CA PRO A 43 1.99 6.57 4.48
C PRO A 43 3.31 6.20 3.79
N GLY A 44 3.45 4.93 3.41
CA GLY A 44 4.62 4.43 2.73
C GLY A 44 5.87 4.44 3.60
N LYS A 45 5.69 4.38 4.92
CA LYS A 45 6.83 4.49 5.83
C LYS A 45 6.76 3.47 6.96
N GLY A 46 7.58 3.69 7.99
CA GLY A 46 7.74 2.73 9.07
C GLY A 46 6.64 2.71 10.12
N LEU A 47 6.92 2.06 11.24
CA LEU A 47 5.94 1.91 12.31
C LEU A 47 6.31 2.70 13.56
N GLU A 48 5.30 3.24 14.23
CA GLU A 48 5.51 3.95 15.49
C GLU A 48 4.50 3.49 16.54
N TRP A 49 5.01 3.04 17.67
CA TRP A 49 4.19 2.60 18.79
C TRP A 49 3.51 3.79 19.46
N ILE A 50 2.21 3.68 19.71
CA ILE A 50 1.47 4.75 20.39
C ILE A 50 1.32 4.44 21.88
N GLY A 51 0.84 3.24 22.18
CA GLY A 51 0.68 2.85 23.58
C GLY A 51 0.08 1.48 23.82
N TYR A 52 0.21 1.02 25.07
CA TYR A 52 -0.39 -0.24 25.50
C TYR A 52 -1.44 0.03 26.56
N ILE A 53 -2.43 -0.85 26.66
CA ILE A 53 -3.29 -0.87 27.84
C ILE A 53 -3.47 -2.32 28.29
N TYR A 54 -3.40 -2.51 29.61
CA TYR A 54 -3.56 -3.83 30.21
C TYR A 54 -4.99 -3.98 30.71
N TYR A 55 -5.45 -5.22 30.88
CA TYR A 55 -6.83 -5.46 31.27
C TYR A 55 -7.13 -4.88 32.65
N SER A 56 -6.09 -4.68 33.45
CA SER A 56 -6.22 -4.07 34.76
C SER A 56 -6.43 -2.57 34.64
N GLY A 57 -6.06 -2.01 33.49
CA GLY A 57 -6.23 -0.60 33.23
C GLY A 57 -4.93 0.19 33.21
N SER A 58 -3.83 -0.49 33.49
CA SER A 58 -2.51 0.16 33.47
C SER A 58 -2.07 0.45 32.04
N THR A 59 -1.69 1.70 31.79
CA THR A 59 -1.31 2.12 30.45
C THR A 59 0.16 2.48 30.34
N TYR A 60 0.70 2.34 29.13
CA TYR A 60 2.05 2.76 28.81
C TYR A 60 2.00 3.52 27.51
N TYR A 61 2.60 4.70 27.46
CA TYR A 61 2.52 5.54 26.27
C TYR A 61 3.88 5.83 25.65
N ASN A 62 3.89 6.03 24.34
CA ASN A 62 5.03 6.62 23.67
C ASN A 62 5.29 7.99 24.29
N PRO A 63 6.46 8.17 24.91
CA PRO A 63 6.83 9.39 25.63
C PRO A 63 6.71 10.65 24.77
N SER A 64 6.83 10.50 23.45
CA SER A 64 6.70 11.63 22.56
C SER A 64 5.24 11.97 22.29
N LEU A 65 4.34 11.09 22.73
CA LEU A 65 2.91 11.29 22.51
C LEU A 65 2.12 11.29 23.82
N LYS A 66 2.82 11.04 24.92
CA LYS A 66 2.19 10.86 26.23
C LYS A 66 1.29 12.03 26.63
N SER A 67 1.71 13.25 26.32
CA SER A 67 0.96 14.44 26.69
C SER A 67 -0.33 14.61 25.88
N ARG A 68 -0.42 13.93 24.75
CA ARG A 68 -1.57 14.10 23.84
C ARG A 68 -2.47 12.88 23.76
N VAL A 69 -2.03 11.76 24.33
CA VAL A 69 -2.70 10.48 24.13
C VAL A 69 -3.43 9.97 25.36
N THR A 70 -4.65 9.47 25.13
CA THR A 70 -5.39 8.72 26.14
C THR A 70 -5.89 7.41 25.53
N ILE A 71 -5.51 6.30 26.14
CA ILE A 71 -6.03 4.98 25.76
C ILE A 71 -6.86 4.42 26.90
N SER A 72 -8.08 3.99 26.61
CA SER A 72 -8.98 3.53 27.65
C SER A 72 -9.76 2.28 27.27
N VAL A 73 -10.14 1.50 28.28
CA VAL A 73 -10.97 0.33 28.09
C VAL A 73 -12.41 0.61 28.53
N ASP A 74 -13.36 0.18 27.72
CA ASP A 74 -14.78 0.30 28.07
C ASP A 74 -15.23 -0.96 28.81
N THR A 75 -16.24 -0.80 29.67
CA THR A 75 -16.83 -1.94 30.38
C THR A 75 -17.50 -2.91 29.41
N ASN A 78 -16.79 -4.52 25.31
CA ASN A 78 -15.66 -5.22 24.73
C ASN A 78 -14.94 -4.37 23.68
N GLN A 79 -14.61 -3.14 24.05
CA GLN A 79 -13.91 -2.22 23.17
C GLN A 79 -12.82 -1.48 23.93
N PHE A 80 -11.87 -0.91 23.18
CA PHE A 80 -10.94 0.04 23.77
C PHE A 80 -10.61 1.12 22.74
N SER A 81 -10.23 2.30 23.22
CA SER A 81 -10.17 3.45 22.34
C SER A 81 -8.86 4.21 22.42
N LEU A 82 -8.60 4.99 21.37
CA LEU A 82 -7.46 5.90 21.33
C LEU A 82 -7.94 7.33 21.09
N LYS A 83 -7.55 8.24 21.96
CA LYS A 83 -7.87 9.65 21.78
C LYS A 83 -6.58 10.47 21.73
N LEU A 84 -6.35 11.10 20.59
CA LEU A 84 -5.16 11.91 20.36
C LEU A 84 -5.56 13.35 20.12
N SER A 85 -5.25 14.22 21.08
CA SER A 85 -5.68 15.61 21.02
C SER A 85 -4.70 16.51 20.26
N SER A 86 -5.19 17.68 19.87
CA SER A 86 -4.40 18.69 19.17
C SER A 86 -3.67 18.15 17.95
N VAL A 87 -4.38 17.44 17.08
CA VAL A 87 -3.75 16.81 15.92
C VAL A 87 -3.28 17.83 14.89
N THR A 88 -2.21 17.48 14.20
CA THR A 88 -1.68 18.29 13.12
C THR A 88 -1.43 17.40 11.91
N ALA A 89 -0.90 17.98 10.84
CA ALA A 89 -0.60 17.21 9.64
C ALA A 89 0.44 16.12 9.90
N ALA A 90 1.18 16.27 10.99
CA ALA A 90 2.20 15.31 11.37
C ALA A 90 1.60 14.02 11.92
N ASP A 91 0.29 14.03 12.15
CA ASP A 91 -0.40 12.87 12.71
C ASP A 91 -1.14 12.09 11.64
N THR A 92 -1.03 12.55 10.39
CA THR A 92 -1.59 11.82 9.27
C THR A 92 -0.89 10.47 9.14
N ALA A 93 -1.66 9.40 9.34
CA ALA A 93 -1.10 8.04 9.28
C ALA A 93 -2.19 6.99 9.24
N VAL A 94 -1.78 5.74 9.01
CA VAL A 94 -2.67 4.60 9.18
C VAL A 94 -2.58 4.14 10.63
N TYR A 95 -3.73 4.07 11.30
CA TYR A 95 -3.74 3.68 12.70
C TYR A 95 -4.23 2.24 12.86
N TYR A 96 -3.40 1.41 13.49
CA TYR A 96 -3.74 0.02 13.76
C TYR A 96 -4.00 -0.20 15.24
N CYS A 97 -5.06 -0.96 15.55
CA CYS A 97 -5.22 -1.48 16.89
C CYS A 97 -4.81 -2.95 16.86
N ALA A 98 -4.17 -3.42 17.92
CA ALA A 98 -3.69 -4.79 17.94
C ALA A 98 -3.74 -5.40 19.33
N ARG A 99 -3.66 -6.73 19.37
CA ARG A 99 -3.60 -7.47 20.61
C ARG A 99 -2.26 -8.18 20.70
N PHE A 100 -1.32 -7.60 21.45
CA PHE A 100 0.01 -8.18 21.59
C PHE A 100 0.03 -9.18 22.74
N GLY A 101 0.16 -10.46 22.41
CA GLY A 101 0.21 -11.51 23.42
C GLY A 101 1.64 -11.80 23.86
N THR A 102 1.84 -11.93 25.16
CA THR A 102 3.17 -12.19 25.71
C THR A 102 3.62 -13.61 25.41
N ARG A 103 2.65 -14.47 25.10
CA ARG A 103 2.95 -15.86 24.78
C ARG A 103 2.82 -16.11 23.28
N GLY A 104 2.93 -15.05 22.50
CA GLY A 104 3.07 -15.16 21.05
C GLY A 104 1.82 -15.18 20.19
N ASN A 105 0.64 -15.11 20.79
CA ASN A 105 -0.59 -15.07 19.99
C ASN A 105 -1.02 -13.63 19.71
N THR A 106 -0.38 -13.01 18.74
CA THR A 106 -0.61 -11.61 18.42
C THR A 106 -1.49 -11.44 17.18
N HIS A 107 -2.48 -10.57 17.29
CA HIS A 107 -3.35 -10.27 16.15
C HIS A 107 -3.50 -8.77 15.95
N TRP A 108 -3.34 -8.34 14.70
CA TRP A 108 -3.48 -6.93 14.35
C TRP A 108 -4.84 -6.67 13.70
N GLY A 109 -5.31 -5.43 13.81
CA GLY A 109 -6.49 -5.00 13.09
C GLY A 109 -6.10 -4.63 11.68
N GLN A 110 -7.09 -4.33 10.83
CA GLN A 110 -6.83 -4.03 9.43
C GLN A 110 -6.18 -2.67 9.22
N GLY A 111 -6.39 -1.76 10.16
CA GLY A 111 -5.86 -0.42 10.06
C GLY A 111 -6.80 0.53 9.36
N THR A 112 -6.81 1.78 9.80
CA THR A 112 -7.64 2.80 9.16
C THR A 112 -6.83 4.07 8.95
N LEU A 113 -6.99 4.69 7.78
CA LEU A 113 -6.22 5.87 7.43
C LEU A 113 -6.87 7.14 7.95
N VAL A 114 -6.06 7.97 8.61
CA VAL A 114 -6.51 9.26 9.11
C VAL A 114 -5.71 10.38 8.47
N THR A 115 -6.41 11.26 7.76
CA THR A 115 -5.77 12.41 7.12
C THR A 115 -6.14 13.68 7.87
N VAL A 116 -5.14 14.38 8.38
CA VAL A 116 -5.37 15.63 9.08
C VAL A 116 -5.22 16.80 8.12
N SER A 117 -6.34 17.42 7.76
CA SER A 117 -6.34 18.54 6.82
C SER A 117 -7.61 19.38 6.98
N SER A 118 -7.47 20.68 6.72
CA SER A 118 -8.60 21.58 6.80
C SER A 118 -9.31 21.68 5.46
N ALA A 119 -8.70 21.06 4.44
CA ALA A 119 -9.22 21.12 3.07
C ALA A 119 -10.58 20.45 2.95
N SER A 120 -11.33 20.85 1.92
CA SER A 120 -12.67 20.32 1.71
C SER A 120 -12.64 18.91 1.09
N THR A 121 -13.68 18.14 1.34
CA THR A 121 -13.79 16.79 0.81
C THR A 121 -14.37 16.80 -0.60
N LYS A 122 -13.70 16.13 -1.53
CA LYS A 122 -14.18 16.07 -2.92
C LYS A 122 -14.35 14.64 -3.40
N GLY A 123 -15.50 14.36 -4.00
CA GLY A 123 -15.78 13.04 -4.54
C GLY A 123 -15.04 12.79 -5.83
N PRO A 124 -14.69 11.52 -6.08
CA PRO A 124 -13.91 11.14 -7.26
C PRO A 124 -14.75 11.01 -8.53
N SER A 125 -14.12 11.30 -9.67
CA SER A 125 -14.70 10.98 -10.96
C SER A 125 -14.18 9.62 -11.40
N VAL A 126 -15.06 8.79 -11.94
CA VAL A 126 -14.67 7.45 -12.35
C VAL A 126 -14.81 7.26 -13.85
N PHE A 127 -13.68 7.15 -14.54
CA PHE A 127 -13.68 6.98 -15.98
C PHE A 127 -13.17 5.60 -16.36
N PRO A 128 -13.83 4.96 -17.33
CA PRO A 128 -13.41 3.64 -17.80
C PRO A 128 -12.18 3.69 -18.70
N LEU A 129 -11.25 2.78 -18.50
CA LEU A 129 -10.16 2.58 -19.44
C LEU A 129 -10.55 1.40 -20.32
N ALA A 130 -11.34 1.69 -21.35
CA ALA A 130 -11.89 0.65 -22.22
C ALA A 130 -10.80 -0.10 -22.96
N PRO A 131 -10.93 -1.43 -23.03
CA PRO A 131 -9.97 -2.26 -23.76
C PRO A 131 -10.13 -2.12 -25.27
N SER A 132 -9.01 -1.96 -25.97
CA SER A 132 -9.01 -1.88 -27.42
C SER A 132 -7.97 -2.82 -27.99
N SER A 133 -7.63 -2.66 -29.26
CA SER A 133 -6.57 -3.46 -29.87
C SER A 133 -5.22 -2.99 -29.37
N LYS A 134 -5.18 -1.74 -28.91
CA LYS A 134 -3.96 -1.16 -28.37
C LYS A 134 -3.79 -1.54 -26.90
N SER A 135 -4.74 -2.34 -26.41
CA SER A 135 -4.74 -2.80 -25.03
C SER A 135 -4.76 -4.33 -24.99
N THR A 136 -4.48 -4.94 -26.13
CA THR A 136 -4.55 -6.39 -26.26
C THR A 136 -3.29 -6.96 -26.91
N SER A 137 -2.73 -8.00 -26.29
CA SER A 137 -1.55 -8.66 -26.83
C SER A 137 -1.48 -10.12 -26.38
N GLY A 138 -1.36 -11.03 -27.35
CA GLY A 138 -1.22 -12.44 -27.06
C GLY A 138 -2.44 -13.07 -26.40
N GLY A 139 -3.62 -12.62 -26.81
CA GLY A 139 -4.86 -13.16 -26.28
C GLY A 139 -5.21 -12.59 -24.92
N THR A 140 -4.33 -11.74 -24.40
CA THR A 140 -4.56 -11.10 -23.10
C THR A 140 -4.92 -9.63 -23.29
N ALA A 141 -6.05 -9.23 -22.73
CA ALA A 141 -6.52 -7.85 -22.87
C ALA A 141 -6.47 -7.10 -21.55
N ALA A 142 -6.09 -5.84 -21.61
CA ALA A 142 -6.03 -4.99 -20.43
C ALA A 142 -7.17 -3.98 -20.44
N LEU A 143 -7.72 -3.69 -19.27
CA LEU A 143 -8.77 -2.68 -19.12
C LEU A 143 -8.70 -2.12 -17.71
N GLY A 144 -9.49 -1.08 -17.44
CA GLY A 144 -9.48 -0.48 -16.12
C GLY A 144 -10.37 0.72 -15.88
N CYS A 145 -10.16 1.36 -14.73
CA CYS A 145 -10.88 2.57 -14.37
C CYS A 145 -9.92 3.65 -13.88
N LEU A 146 -10.23 4.90 -14.21
CA LEU A 146 -9.44 6.03 -13.73
C LEU A 146 -10.22 6.79 -12.65
N VAL A 147 -9.65 6.83 -11.45
CA VAL A 147 -10.30 7.50 -10.34
C VAL A 147 -9.64 8.85 -10.09
N LYS A 148 -10.25 9.89 -10.64
CA LYS A 148 -9.59 11.19 -10.74
C LYS A 148 -10.16 12.25 -9.81
N ASP A 149 -9.28 13.12 -9.31
CA ASP A 149 -9.67 14.32 -8.58
C ASP A 149 -10.52 14.04 -7.33
N TYR A 150 -9.90 13.44 -6.31
CA TYR A 150 -10.61 13.22 -5.05
C TYR A 150 -9.76 13.60 -3.85
N PHE A 151 -10.42 13.75 -2.71
CA PHE A 151 -9.76 14.07 -1.46
C PHE A 151 -10.70 13.79 -0.29
N PRO A 152 -10.19 13.14 0.76
CA PRO A 152 -8.82 12.63 0.84
C PRO A 152 -8.73 11.17 0.43
N GLU A 153 -7.57 10.57 0.66
CA GLU A 153 -7.41 9.13 0.58
C GLU A 153 -8.25 8.48 1.68
N PRO A 154 -8.61 7.19 1.52
CA PRO A 154 -8.35 6.33 0.38
C PRO A 154 -9.58 6.04 -0.46
N VAL A 155 -9.37 5.44 -1.63
CA VAL A 155 -10.45 4.88 -2.41
C VAL A 155 -10.21 3.38 -2.54
N THR A 156 -11.28 2.59 -2.43
CA THR A 156 -11.15 1.15 -2.59
C THR A 156 -11.78 0.71 -3.91
N VAL A 157 -11.00 0.02 -4.72
CA VAL A 157 -11.47 -0.43 -6.02
C VAL A 157 -11.50 -1.95 -6.08
N SER A 158 -12.63 -2.50 -6.49
CA SER A 158 -12.76 -3.94 -6.69
C SER A 158 -13.38 -4.22 -8.05
N TRP A 159 -13.11 -5.40 -8.58
CA TRP A 159 -13.62 -5.76 -9.90
C TRP A 159 -14.64 -6.89 -9.81
N ASN A 160 -15.83 -6.63 -10.34
CA ASN A 160 -16.95 -7.56 -10.26
C ASN A 160 -17.25 -7.97 -8.81
N SER A 161 -17.45 -6.96 -7.96
CA SER A 161 -17.82 -7.15 -6.57
C SER A 161 -16.82 -8.00 -5.79
N GLY A 162 -15.57 -8.00 -6.24
CA GLY A 162 -14.52 -8.73 -5.54
C GLY A 162 -14.15 -10.05 -6.21
N ALA A 163 -14.77 -10.32 -7.36
CA ALA A 163 -14.49 -11.54 -8.11
C ALA A 163 -13.05 -11.57 -8.60
N LEU A 164 -12.79 -10.76 -9.62
CA LEU A 164 -11.45 -10.65 -10.19
C LEU A 164 -10.46 -10.13 -9.17
N THR A 165 -9.44 -10.94 -8.89
CA THR A 165 -8.35 -10.53 -8.01
C THR A 165 -7.02 -10.74 -8.71
N SER A 166 -6.97 -11.77 -9.56
CA SER A 166 -5.76 -12.09 -10.31
C SER A 166 -5.57 -11.12 -11.47
N GLY A 167 -4.36 -10.59 -11.60
CA GLY A 167 -4.03 -9.69 -12.69
C GLY A 167 -4.44 -8.26 -12.43
N VAL A 168 -5.14 -8.04 -11.32
CA VAL A 168 -5.58 -6.70 -10.95
C VAL A 168 -4.44 -5.89 -10.34
N HIS A 169 -4.24 -4.68 -10.86
CA HIS A 169 -3.25 -3.78 -10.31
C HIS A 169 -3.86 -2.42 -9.97
N THR A 170 -4.02 -2.15 -8.69
CA THR A 170 -4.48 -0.85 -8.24
C THR A 170 -3.28 -0.03 -7.78
N PHE A 171 -2.97 1.01 -8.54
CA PHE A 171 -1.76 1.79 -8.30
C PHE A 171 -1.91 2.73 -7.12
N PRO A 172 -0.78 3.02 -6.44
CA PRO A 172 -0.77 4.08 -5.42
C PRO A 172 -1.25 5.38 -6.01
N ALA A 173 -2.14 6.08 -5.31
CA ALA A 173 -2.65 7.35 -5.79
C ALA A 173 -1.53 8.39 -5.86
N VAL A 174 -1.60 9.25 -6.87
CA VAL A 174 -0.63 10.33 -6.98
C VAL A 174 -1.30 11.64 -6.60
N LEU A 175 -0.53 12.53 -5.98
CA LEU A 175 -1.04 13.85 -5.61
C LEU A 175 -0.83 14.83 -6.76
N GLN A 176 -1.92 15.22 -7.40
CA GLN A 176 -1.84 16.11 -8.56
C GLN A 176 -1.45 17.53 -8.17
N SER A 177 -1.36 18.40 -9.17
CA SER A 177 -1.23 19.83 -8.93
C SER A 177 -2.53 20.31 -8.29
N SER A 178 -3.60 19.58 -8.60
CA SER A 178 -4.92 19.88 -8.07
C SER A 178 -4.93 20.00 -6.55
N GLY A 179 -4.04 19.26 -5.89
CA GLY A 179 -4.12 19.09 -4.45
C GLY A 179 -5.02 17.91 -4.20
N LEU A 180 -5.53 17.36 -5.30
CA LEU A 180 -6.43 16.22 -5.27
C LEU A 180 -5.68 14.95 -5.71
N TYR A 181 -6.17 13.80 -5.27
CA TYR A 181 -5.52 12.54 -5.59
C TYR A 181 -6.07 11.92 -6.87
N SER A 182 -5.20 11.24 -7.60
CA SER A 182 -5.62 10.53 -8.80
C SER A 182 -5.11 9.10 -8.77
N LEU A 183 -5.97 8.17 -9.18
CA LEU A 183 -5.66 6.75 -9.10
C LEU A 183 -6.17 6.04 -10.34
N SER A 184 -5.50 4.96 -10.71
CA SER A 184 -5.96 4.10 -11.79
C SER A 184 -5.89 2.64 -11.36
N SER A 185 -6.92 1.88 -11.71
CA SER A 185 -6.95 0.46 -11.39
C SER A 185 -7.14 -0.33 -12.68
N VAL A 186 -6.26 -1.29 -12.92
CA VAL A 186 -6.30 -2.07 -14.15
C VAL A 186 -6.38 -3.56 -13.88
N VAL A 187 -6.78 -4.33 -14.89
CA VAL A 187 -6.82 -5.78 -14.79
C VAL A 187 -6.62 -6.40 -16.17
N THR A 188 -5.84 -7.47 -16.24
CA THR A 188 -5.65 -8.19 -17.49
C THR A 188 -6.56 -9.41 -17.54
N VAL A 189 -7.41 -9.46 -18.57
CA VAL A 189 -8.37 -10.54 -18.74
C VAL A 189 -8.13 -11.23 -20.08
N PRO A 190 -8.67 -12.45 -20.26
CA PRO A 190 -8.62 -13.09 -21.58
C PRO A 190 -9.38 -12.27 -22.62
N SER A 191 -8.83 -12.18 -23.84
CA SER A 191 -9.47 -11.44 -24.91
C SER A 191 -10.76 -12.10 -25.38
N SER A 192 -10.93 -13.37 -25.05
CA SER A 192 -12.10 -14.14 -25.46
C SER A 192 -13.37 -13.70 -24.73
N SER A 193 -13.17 -13.13 -23.54
CA SER A 193 -14.25 -12.80 -22.62
C SER A 193 -14.69 -11.34 -22.66
N LEU A 194 -14.30 -10.63 -23.72
CA LEU A 194 -14.58 -9.20 -23.82
C LEU A 194 -15.97 -8.90 -24.38
N GLY A 195 -16.58 -9.89 -25.00
CA GLY A 195 -17.89 -9.69 -25.62
C GLY A 195 -19.05 -10.20 -24.80
N THR A 196 -18.77 -11.10 -23.86
CA THR A 196 -19.81 -11.75 -23.09
C THR A 196 -19.77 -11.39 -21.61
N GLN A 197 -18.67 -11.73 -20.96
CA GLN A 197 -18.51 -11.49 -19.52
C GLN A 197 -18.46 -10.00 -19.21
N THR A 198 -19.28 -9.58 -18.26
CA THR A 198 -19.32 -8.18 -17.86
C THR A 198 -18.17 -7.85 -16.91
N TYR A 199 -17.58 -6.67 -17.11
CA TYR A 199 -16.51 -6.18 -16.24
C TYR A 199 -16.89 -4.84 -15.64
N ILE A 200 -17.11 -4.82 -14.33
CA ILE A 200 -17.58 -3.63 -13.64
C ILE A 200 -16.53 -3.07 -12.70
N CYS A 201 -16.42 -1.75 -12.67
CA CYS A 201 -15.46 -1.05 -11.83
C CYS A 201 -16.12 -0.58 -10.54
N ASN A 202 -15.88 -1.29 -9.45
CA ASN A 202 -16.48 -0.94 -8.15
C ASN A 202 -15.59 0.03 -7.36
N VAL A 203 -15.97 1.30 -7.36
CA VAL A 203 -15.19 2.31 -6.65
C VAL A 203 -15.95 2.86 -5.45
N ASN A 204 -15.30 2.85 -4.29
CA ASN A 204 -15.91 3.32 -3.05
C ASN A 204 -15.07 4.39 -2.38
N HIS A 205 -15.70 5.52 -2.07
CA HIS A 205 -15.02 6.61 -1.38
C HIS A 205 -15.91 7.17 -0.26
N LYS A 206 -15.72 6.63 0.94
CA LYS A 206 -16.53 6.96 2.10
C LYS A 206 -16.54 8.44 2.54
N PRO A 207 -15.35 9.11 2.56
CA PRO A 207 -15.35 10.50 3.04
C PRO A 207 -16.26 11.46 2.28
N SER A 208 -16.71 11.10 1.09
CA SER A 208 -17.62 11.94 0.32
C SER A 208 -18.89 11.22 -0.06
N ASN A 209 -19.03 9.98 0.43
CA ASN A 209 -20.13 9.10 0.05
C ASN A 209 -20.22 8.99 -1.46
N THR A 210 -19.31 8.23 -2.05
CA THR A 210 -19.29 8.04 -3.49
C THR A 210 -19.12 6.56 -3.84
N LYS A 211 -20.20 5.97 -4.36
CA LYS A 211 -20.17 4.57 -4.75
C LYS A 211 -20.57 4.45 -6.22
N VAL A 212 -19.60 4.10 -7.07
CA VAL A 212 -19.84 4.00 -8.50
C VAL A 212 -19.50 2.62 -9.03
N ASP A 213 -20.43 2.02 -9.76
CA ASP A 213 -20.18 0.76 -10.44
C ASP A 213 -20.14 1.00 -11.94
N LYS A 214 -18.94 1.01 -12.51
CA LYS A 214 -18.74 1.39 -13.90
C LYS A 214 -18.62 0.20 -14.84
N LYS A 215 -19.57 0.10 -15.77
CA LYS A 215 -19.47 -0.86 -16.85
C LYS A 215 -18.34 -0.45 -17.79
N VAL A 216 -17.24 -1.19 -17.75
CA VAL A 216 -16.12 -0.89 -18.63
C VAL A 216 -16.27 -1.59 -19.96
N GLU A 217 -16.48 -0.79 -21.01
CA GLU A 217 -16.68 -1.32 -22.36
C GLU A 217 -15.37 -1.38 -23.12
N SER B 2 13.73 4.19 14.10
CA SER B 2 15.03 4.85 14.03
C SER B 2 15.84 4.57 15.29
N VAL B 3 15.15 4.15 16.34
CA VAL B 3 15.81 3.75 17.58
C VAL B 3 16.60 2.47 17.34
N LEU B 4 15.98 1.54 16.61
CA LEU B 4 16.66 0.35 16.16
C LEU B 4 17.10 0.56 14.71
N THR B 5 18.23 -0.02 14.33
CA THR B 5 18.79 0.21 13.00
C THR B 5 18.68 -1.01 12.09
N GLN B 6 17.90 -0.88 11.02
CA GLN B 6 17.82 -1.89 9.98
C GLN B 6 18.33 -1.34 8.65
N PRO B 7 18.83 -2.21 7.78
CA PRO B 7 19.07 -1.78 6.39
C PRO B 7 17.73 -1.53 5.70
N PRO B 8 17.64 -0.47 4.89
CA PRO B 8 16.37 -0.13 4.23
C PRO B 8 15.90 -1.20 3.25
N SER B 9 16.82 -1.97 2.68
CA SER B 9 16.44 -2.99 1.72
C SER B 9 17.31 -4.25 1.80
N ALA B 10 16.74 -5.36 1.33
CA ALA B 10 17.45 -6.63 1.23
C ALA B 10 16.95 -7.39 0.02
N SER B 11 17.77 -8.27 -0.54
CA SER B 11 17.38 -9.01 -1.73
C SER B 11 18.01 -10.40 -1.79
N GLY B 12 17.32 -11.32 -2.44
CA GLY B 12 17.80 -12.68 -2.64
C GLY B 12 17.02 -13.39 -3.72
N THR B 13 17.64 -14.39 -4.35
CA THR B 13 16.99 -15.16 -5.40
C THR B 13 16.08 -16.22 -4.81
N PRO B 14 15.07 -16.68 -5.57
CA PRO B 14 14.19 -17.77 -5.11
C PRO B 14 14.94 -19.02 -4.69
N GLY B 15 14.66 -19.52 -3.49
CA GLY B 15 15.30 -20.72 -2.98
C GLY B 15 16.52 -20.40 -2.14
N GLN B 16 17.06 -19.20 -2.30
CA GLN B 16 18.25 -18.79 -1.56
C GLN B 16 17.87 -18.16 -0.23
N ARG B 17 18.88 -17.94 0.61
CA ARG B 17 18.67 -17.45 1.98
C ARG B 17 19.12 -16.01 2.15
N VAL B 18 18.32 -15.23 2.87
CA VAL B 18 18.70 -13.86 3.20
C VAL B 18 18.62 -13.63 4.71
N THR B 19 19.49 -12.76 5.21
CA THR B 19 19.45 -12.38 6.62
C THR B 19 19.25 -10.88 6.75
N ILE B 20 18.49 -10.46 7.76
CA ILE B 20 18.21 -9.05 7.98
C ILE B 20 18.63 -8.63 9.38
N SER B 21 19.56 -7.68 9.46
CA SER B 21 20.13 -7.28 10.73
C SER B 21 19.29 -6.24 11.45
N CYS B 22 19.41 -6.19 12.76
CA CYS B 22 18.72 -5.20 13.59
C CYS B 22 19.64 -4.78 14.73
N SER B 23 20.07 -3.53 14.71
CA SER B 23 21.02 -3.03 15.70
C SER B 23 20.37 -2.08 16.69
N GLY B 24 20.56 -2.36 17.98
CA GLY B 24 20.01 -1.53 19.03
C GLY B 24 21.04 -1.17 20.07
N SER B 25 20.61 -1.03 21.32
CA SER B 25 21.49 -0.62 22.41
C SER B 25 21.25 -1.44 23.66
N SER B 26 21.92 -1.08 24.75
CA SER B 26 21.81 -1.84 25.99
C SER B 26 20.44 -1.67 26.65
N SER B 27 19.77 -0.57 26.34
CA SER B 27 18.49 -0.26 26.99
C SER B 27 17.30 -0.99 26.35
N ASN B 28 17.45 -1.39 25.09
CA ASN B 28 16.38 -2.13 24.42
C ASN B 28 16.74 -3.58 24.13
N ILE B 29 17.42 -3.82 23.00
CA ILE B 29 17.79 -5.18 22.61
C ILE B 29 18.68 -5.86 23.65
N GLY B 30 19.64 -5.11 24.20
CA GLY B 30 20.54 -5.64 25.20
C GLY B 30 19.85 -6.02 26.50
N SER B 31 18.74 -5.36 26.80
CA SER B 31 18.05 -5.56 28.07
C SER B 31 16.90 -6.54 27.98
N ASN B 32 16.27 -6.61 26.81
CA ASN B 32 15.05 -7.38 26.65
C ASN B 32 15.12 -8.36 25.47
N TYR B 33 14.06 -8.39 24.63
CA TYR B 33 13.99 -9.38 23.54
C TYR B 33 13.54 -8.64 22.29
N VAL B 34 13.76 -9.30 21.16
CA VAL B 34 13.43 -8.73 19.87
C VAL B 34 12.27 -9.48 19.23
N ASP B 35 11.27 -8.74 18.76
CA ASP B 35 10.19 -9.30 17.95
C ASP B 35 10.37 -8.87 16.49
N TRP B 36 9.83 -9.66 15.58
CA TRP B 36 9.85 -9.31 14.17
C TRP B 36 8.44 -9.29 13.61
N TYR B 37 8.15 -8.28 12.79
CA TYR B 37 6.84 -8.16 12.17
C TYR B 37 6.95 -8.12 10.66
N GLN B 38 6.09 -8.89 9.99
CA GLN B 38 6.07 -8.94 8.53
C GLN B 38 4.88 -8.16 8.00
N GLN B 39 5.14 -7.20 7.11
CA GLN B 39 4.05 -6.46 6.50
C GLN B 39 4.01 -6.67 5.00
N LEU B 40 3.07 -7.49 4.55
CA LEU B 40 2.81 -7.63 3.14
C LEU B 40 2.18 -6.34 2.63
N PRO B 41 2.48 -5.97 1.37
CA PRO B 41 1.96 -4.74 0.75
C PRO B 41 0.44 -4.63 0.85
N GLY B 42 -0.03 -3.52 1.41
CA GLY B 42 -1.46 -3.27 1.50
C GLY B 42 -2.13 -3.97 2.66
N THR B 43 -1.34 -4.65 3.48
CA THR B 43 -1.88 -5.37 4.63
C THR B 43 -1.30 -4.85 5.94
N ALA B 44 -1.99 -5.14 7.03
CA ALA B 44 -1.48 -4.83 8.36
C ALA B 44 -0.29 -5.73 8.67
N PRO B 45 0.66 -5.22 9.46
CA PRO B 45 1.79 -6.05 9.91
C PRO B 45 1.31 -7.29 10.65
N LYS B 46 2.11 -8.35 10.61
CA LYS B 46 1.79 -9.59 11.31
C LYS B 46 3.00 -10.04 12.11
N LEU B 47 2.77 -10.64 13.28
CA LEU B 47 3.88 -11.13 14.09
C LEU B 47 4.57 -12.30 13.38
N LEU B 48 5.87 -12.17 13.17
CA LEU B 48 6.65 -13.20 12.50
C LEU B 48 7.51 -13.97 13.50
N ILE B 49 8.18 -13.21 14.37
CA ILE B 49 9.05 -13.78 15.39
C ILE B 49 8.83 -13.07 16.72
N TYR B 50 8.72 -13.84 17.80
CA TYR B 50 8.65 -13.22 19.12
C TYR B 50 9.68 -13.84 20.06
N ARG B 51 10.07 -13.08 21.08
CA ARG B 51 11.09 -13.52 22.05
C ARG B 51 12.35 -14.03 21.35
N ASN B 52 12.87 -13.21 20.45
CA ASN B 52 14.11 -13.47 19.70
C ASN B 52 13.97 -14.51 18.59
N ASN B 53 13.41 -15.68 18.89
CA ASN B 53 13.45 -16.78 17.93
C ASN B 53 12.22 -17.69 17.92
N GLN B 54 11.17 -17.32 18.64
CA GLN B 54 9.97 -18.15 18.69
C GLN B 54 9.05 -17.84 17.53
N ARG B 55 8.47 -18.89 16.94
CA ARG B 55 7.55 -18.72 15.84
C ARG B 55 6.11 -18.99 16.27
N PRO B 56 5.21 -18.03 16.02
CA PRO B 56 3.78 -18.27 16.27
C PRO B 56 3.21 -19.23 15.24
N SER B 57 2.02 -19.77 15.50
CA SER B 57 1.38 -20.68 14.56
C SER B 57 1.13 -19.99 13.23
N GLY B 58 1.39 -20.71 12.13
CA GLY B 58 1.15 -20.19 10.80
C GLY B 58 2.38 -19.55 10.18
N VAL B 59 3.50 -19.62 10.89
CA VAL B 59 4.77 -19.13 10.35
C VAL B 59 5.73 -20.30 10.13
N PRO B 60 6.12 -20.53 8.87
CA PRO B 60 6.96 -21.68 8.50
C PRO B 60 8.35 -21.62 9.13
N ASP B 61 9.03 -22.76 9.21
CA ASP B 61 10.36 -22.82 9.82
C ASP B 61 11.44 -22.26 8.90
N ARG B 62 11.01 -21.75 7.73
CA ARG B 62 11.91 -21.02 6.84
C ARG B 62 12.38 -19.73 7.50
N PHE B 63 11.57 -19.22 8.42
CA PHE B 63 11.91 -18.02 9.16
C PHE B 63 12.54 -18.37 10.50
N SER B 64 13.68 -17.75 10.80
CA SER B 64 14.30 -17.94 12.10
C SER B 64 14.95 -16.64 12.56
N GLY B 65 14.96 -16.43 13.88
CA GLY B 65 15.56 -15.23 14.44
C GLY B 65 16.65 -15.56 15.43
N SER B 66 17.51 -14.58 15.68
CA SER B 66 18.55 -14.73 16.68
C SER B 66 18.86 -13.37 17.30
N LYS B 67 19.33 -13.38 18.54
CA LYS B 67 19.65 -12.16 19.26
C LYS B 67 20.91 -12.36 20.08
N SER B 68 21.84 -11.42 19.94
CA SER B 68 23.08 -11.47 20.70
C SER B 68 23.52 -10.06 21.08
N GLY B 69 23.58 -9.80 22.38
CA GLY B 69 23.97 -8.48 22.87
C GLY B 69 22.97 -7.42 22.47
N THR B 70 23.41 -6.47 21.66
CA THR B 70 22.55 -5.38 21.22
C THR B 70 22.17 -5.53 19.75
N SER B 71 22.40 -6.72 19.20
CA SER B 71 22.07 -7.01 17.82
C SER B 71 21.10 -8.18 17.70
N ALA B 72 20.35 -8.20 16.60
CA ALA B 72 19.45 -9.31 16.31
C ALA B 72 19.49 -9.59 14.81
N SER B 73 18.94 -10.72 14.41
CA SER B 73 18.95 -11.08 12.99
C SER B 73 17.81 -12.02 12.62
N LEU B 74 17.17 -11.72 11.50
CA LEU B 74 16.09 -12.56 10.97
C LEU B 74 16.57 -13.27 9.71
N ALA B 75 16.40 -14.58 9.66
CA ALA B 75 16.84 -15.35 8.51
C ALA B 75 15.65 -15.96 7.75
N ILE B 76 15.68 -15.84 6.44
CA ILE B 76 14.66 -16.45 5.59
C ILE B 76 15.34 -17.46 4.66
N SER B 77 15.09 -18.74 4.87
CA SER B 77 15.87 -19.79 4.21
C SER B 77 15.46 -20.04 2.76
N GLY B 78 14.26 -20.55 2.54
CA GLY B 78 13.82 -20.87 1.19
C GLY B 78 12.93 -19.81 0.60
N LEU B 79 13.55 -18.74 0.08
CA LEU B 79 12.82 -17.56 -0.37
C LEU B 79 11.74 -17.86 -1.41
N ARG B 80 10.51 -17.48 -1.08
CA ARG B 80 9.39 -17.57 -2.01
C ARG B 80 8.98 -16.18 -2.46
N SER B 81 8.16 -16.11 -3.50
CA SER B 81 7.67 -14.84 -4.00
C SER B 81 6.77 -14.16 -2.97
N GLU B 82 6.09 -14.96 -2.16
CA GLU B 82 5.20 -14.41 -1.14
C GLU B 82 5.97 -13.88 0.08
N ASP B 83 7.29 -13.93 0.02
CA ASP B 83 8.12 -13.43 1.12
C ASP B 83 8.37 -11.92 0.99
N GLU B 84 8.07 -11.37 -0.18
CA GLU B 84 8.20 -9.93 -0.41
C GLU B 84 7.36 -9.15 0.58
N ALA B 85 8.01 -8.30 1.35
CA ALA B 85 7.35 -7.57 2.42
C ALA B 85 8.29 -6.55 3.04
N ASP B 86 7.75 -5.75 3.94
CA ASP B 86 8.58 -4.94 4.81
C ASP B 86 8.75 -5.70 6.12
N TYR B 87 9.99 -5.83 6.58
CA TYR B 87 10.25 -6.56 7.82
C TYR B 87 10.75 -5.59 8.88
N TYR B 88 10.02 -5.53 9.99
CA TYR B 88 10.36 -4.64 11.08
C TYR B 88 10.76 -5.42 12.32
N CYS B 89 11.93 -5.11 12.87
CA CYS B 89 12.27 -5.63 14.18
C CYS B 89 11.66 -4.71 15.22
N ALA B 90 11.43 -5.25 16.42
CA ALA B 90 10.85 -4.47 17.51
C ALA B 90 11.41 -4.91 18.83
N ALA B 91 11.46 -3.99 19.79
CA ALA B 91 11.95 -4.30 21.12
C ALA B 91 11.42 -3.31 22.15
N TRP B 92 11.35 -3.74 23.39
CA TRP B 92 10.95 -2.85 24.48
C TRP B 92 12.16 -2.08 24.97
N ASP B 93 12.09 -0.76 24.89
CA ASP B 93 13.16 0.08 25.45
C ASP B 93 12.79 0.46 26.87
N ASP B 94 13.74 0.32 27.79
CA ASP B 94 13.49 0.53 29.21
C ASP B 94 13.04 1.94 29.54
N SER B 95 13.25 2.88 28.63
CA SER B 95 12.85 4.27 28.84
C SER B 95 11.78 4.73 27.87
N LEU B 96 11.88 4.28 26.62
CA LEU B 96 10.99 4.75 25.56
C LEU B 96 9.77 3.86 25.36
N GLY B 97 9.82 2.65 25.91
CA GLY B 97 8.76 1.69 25.64
C GLY B 97 9.06 0.95 24.36
N THR B 98 8.02 0.51 23.66
CA THR B 98 8.22 -0.27 22.43
C THR B 98 8.74 0.58 21.29
N VAL B 99 9.90 0.19 20.77
CA VAL B 99 10.51 0.87 19.63
C VAL B 99 10.57 -0.07 18.44
N PHE B 100 10.65 0.50 17.24
CA PHE B 100 10.74 -0.29 16.02
C PHE B 100 12.02 0.04 15.27
N GLY B 101 12.37 -0.80 14.31
CA GLY B 101 13.43 -0.49 13.38
C GLY B 101 12.81 0.20 12.20
N GLY B 102 13.64 0.81 11.36
CA GLY B 102 13.15 1.53 10.19
C GLY B 102 12.49 0.64 9.15
N GLY B 103 12.66 -0.67 9.32
CA GLY B 103 12.05 -1.64 8.42
C GLY B 103 12.95 -1.97 7.25
N THR B 104 12.83 -3.20 6.76
CA THR B 104 13.61 -3.65 5.62
C THR B 104 12.70 -4.19 4.52
N LYS B 105 12.75 -3.57 3.35
CA LYS B 105 11.99 -4.07 2.21
C LYS B 105 12.76 -5.20 1.54
N LEU B 106 12.15 -6.38 1.50
CA LEU B 106 12.77 -7.54 0.89
C LEU B 106 12.34 -7.70 -0.56
N GLU B 107 13.33 -7.70 -1.46
CA GLU B 107 13.06 -7.88 -2.89
C GLU B 107 13.47 -9.27 -3.35
N ILE B 108 12.63 -9.90 -4.16
CA ILE B 108 12.96 -11.21 -4.72
C ILE B 108 13.57 -11.06 -6.11
N LYS B 109 14.79 -11.55 -6.28
CA LYS B 109 15.48 -11.45 -7.56
C LYS B 109 15.05 -12.55 -8.52
N ARG B 110 13.88 -12.37 -9.14
CA ARG B 110 13.42 -13.26 -10.19
C ARG B 110 14.17 -12.99 -11.48
N THR B 111 13.87 -13.77 -12.52
CA THR B 111 14.49 -13.55 -13.82
C THR B 111 13.97 -12.28 -14.48
N VAL B 112 14.76 -11.73 -15.40
CA VAL B 112 14.39 -10.49 -16.08
C VAL B 112 13.12 -10.65 -16.89
N ALA B 113 12.16 -9.77 -16.66
CA ALA B 113 10.90 -9.78 -17.39
C ALA B 113 10.60 -8.42 -18.00
N ALA B 114 10.45 -8.39 -19.32
CA ALA B 114 10.06 -7.17 -20.02
C ALA B 114 8.59 -6.88 -19.78
N PRO B 115 8.23 -5.60 -19.66
CA PRO B 115 6.82 -5.27 -19.45
C PRO B 115 5.95 -5.53 -20.67
N SER B 116 4.69 -5.90 -20.43
CA SER B 116 3.69 -5.83 -21.48
C SER B 116 3.17 -4.40 -21.50
N VAL B 117 3.18 -3.77 -22.67
CA VAL B 117 2.80 -2.37 -22.77
C VAL B 117 1.41 -2.20 -23.34
N PHE B 118 0.58 -1.41 -22.65
CA PHE B 118 -0.77 -1.11 -23.09
C PHE B 118 -1.03 0.40 -22.98
N ILE B 119 -1.88 0.91 -23.86
CA ILE B 119 -2.21 2.32 -23.84
C ILE B 119 -3.72 2.53 -23.88
N PHE B 120 -4.19 3.56 -23.19
CA PHE B 120 -5.61 3.85 -23.13
C PHE B 120 -5.89 5.30 -23.48
N PRO B 121 -6.57 5.54 -24.60
CA PRO B 121 -7.03 6.88 -24.96
C PRO B 121 -7.98 7.43 -23.90
N PRO B 122 -8.11 8.76 -23.81
CA PRO B 122 -9.08 9.31 -22.86
C PRO B 122 -10.51 8.91 -23.23
N SER B 123 -11.28 8.50 -22.23
CA SER B 123 -12.68 8.17 -22.44
C SER B 123 -13.47 9.40 -22.86
N ASP B 124 -14.61 9.17 -23.48
CA ASP B 124 -15.47 10.26 -23.94
C ASP B 124 -16.18 10.96 -22.79
N GLU B 125 -16.37 10.25 -21.68
CA GLU B 125 -16.98 10.88 -20.52
C GLU B 125 -16.02 11.86 -19.85
N GLN B 126 -14.73 11.55 -19.87
CA GLN B 126 -13.76 12.49 -19.31
C GLN B 126 -13.60 13.71 -20.21
N LEU B 127 -13.66 13.48 -21.52
CA LEU B 127 -13.50 14.56 -22.49
C LEU B 127 -14.59 15.62 -22.34
N LYS B 128 -15.73 15.21 -21.79
CA LYS B 128 -16.82 16.15 -21.51
C LYS B 128 -16.43 17.16 -20.44
N SER B 129 -15.51 16.80 -19.57
CA SER B 129 -15.10 17.66 -18.46
C SER B 129 -14.09 18.71 -18.88
N GLY B 130 -13.55 18.57 -20.09
CA GLY B 130 -12.58 19.52 -20.59
C GLY B 130 -11.15 19.06 -20.40
N THR B 131 -10.98 17.97 -19.66
CA THR B 131 -9.67 17.37 -19.45
C THR B 131 -9.50 16.10 -20.27
N ALA B 132 -8.25 15.73 -20.52
CA ALA B 132 -7.94 14.52 -21.27
C ALA B 132 -6.72 13.81 -20.67
N SER B 133 -6.95 12.63 -20.12
CA SER B 133 -5.88 11.82 -19.56
C SER B 133 -5.58 10.63 -20.45
N VAL B 134 -4.30 10.42 -20.74
CA VAL B 134 -3.87 9.26 -21.52
C VAL B 134 -3.03 8.35 -20.64
N VAL B 135 -3.46 7.10 -20.49
CA VAL B 135 -2.78 6.18 -19.60
C VAL B 135 -1.93 5.16 -20.34
N CYS B 136 -0.64 5.11 -19.99
CA CYS B 136 0.25 4.08 -20.49
C CYS B 136 0.52 3.06 -19.38
N LEU B 137 0.35 1.79 -19.69
CA LEU B 137 0.49 0.73 -18.70
C LEU B 137 1.67 -0.20 -18.98
N LEU B 138 2.65 -0.17 -18.08
CA LEU B 138 3.76 -1.11 -18.12
C LEU B 138 3.47 -2.24 -17.13
N ASN B 139 3.16 -3.42 -17.66
CA ASN B 139 2.67 -4.51 -16.81
C ASN B 139 3.68 -5.62 -16.54
N ASN B 140 3.73 -6.06 -15.28
CA ASN B 140 4.48 -7.24 -14.85
C ASN B 140 5.92 -7.33 -15.36
N PHE B 141 6.78 -6.45 -14.87
CA PHE B 141 8.17 -6.42 -15.33
C PHE B 141 9.17 -6.50 -14.17
N TYR B 142 10.39 -6.93 -14.48
CA TYR B 142 11.46 -6.99 -13.50
C TYR B 142 12.82 -6.90 -14.20
N PRO B 143 13.75 -6.12 -13.63
CA PRO B 143 13.66 -5.36 -12.38
C PRO B 143 12.78 -4.11 -12.46
N ARG B 144 12.71 -3.38 -11.35
CA ARG B 144 11.82 -2.23 -11.22
C ARG B 144 12.14 -1.10 -12.19
N GLU B 145 13.42 -0.90 -12.47
CA GLU B 145 13.87 0.20 -13.31
C GLU B 145 13.27 0.18 -14.71
N ALA B 146 12.49 1.21 -15.03
CA ALA B 146 11.89 1.35 -16.35
C ALA B 146 11.77 2.82 -16.70
N LYS B 147 11.87 3.13 -17.99
CA LYS B 147 11.76 4.51 -18.43
C LYS B 147 10.65 4.68 -19.46
N VAL B 148 9.77 5.64 -19.21
CA VAL B 148 8.68 5.97 -20.12
C VAL B 148 8.88 7.34 -20.73
N GLN B 149 8.79 7.43 -22.05
CA GLN B 149 8.88 8.70 -22.76
C GLN B 149 7.64 8.90 -23.60
N TRP B 150 6.91 9.98 -23.32
CA TRP B 150 5.71 10.30 -24.08
C TRP B 150 6.04 11.03 -25.38
N LYS B 151 5.35 10.62 -26.45
CA LYS B 151 5.44 11.32 -27.73
C LYS B 151 4.07 11.82 -28.13
N VAL B 152 4.00 13.08 -28.56
CA VAL B 152 2.77 13.63 -29.10
C VAL B 152 3.07 14.24 -30.47
N ASP B 153 2.42 13.72 -31.51
CA ASP B 153 2.77 14.03 -32.88
C ASP B 153 4.26 13.82 -33.12
N ASN B 154 4.78 12.71 -32.59
CA ASN B 154 6.19 12.35 -32.69
C ASN B 154 7.14 13.35 -32.03
N ALA B 155 6.60 14.20 -31.15
CA ALA B 155 7.42 15.15 -30.41
C ALA B 155 7.48 14.79 -28.93
N LEU B 156 8.68 14.82 -28.36
CA LEU B 156 8.89 14.39 -26.97
C LEU B 156 8.26 15.35 -25.97
N GLN B 157 7.54 14.77 -25.00
CA GLN B 157 6.90 15.55 -23.94
C GLN B 157 7.73 15.51 -22.66
N SER B 158 7.39 16.39 -21.72
CA SER B 158 8.04 16.42 -20.42
C SER B 158 7.24 17.29 -19.45
N GLY B 159 7.22 16.88 -18.19
CA GLY B 159 6.61 17.67 -17.13
C GLY B 159 5.09 17.69 -17.15
N ASN B 160 4.50 16.93 -18.07
CA ASN B 160 3.05 16.86 -18.16
C ASN B 160 2.51 15.45 -17.90
N SER B 161 3.31 14.65 -17.21
CA SER B 161 2.88 13.29 -16.87
C SER B 161 3.30 12.89 -15.47
N GLN B 162 2.50 12.04 -14.84
CA GLN B 162 2.81 11.47 -13.55
C GLN B 162 2.78 9.95 -13.65
N GLU B 163 3.72 9.28 -12.99
CA GLU B 163 3.72 7.83 -13.02
C GLU B 163 3.62 7.24 -11.62
N SER B 164 3.09 6.03 -11.54
CA SER B 164 2.91 5.34 -10.28
C SER B 164 3.31 3.88 -10.43
N VAL B 165 3.92 3.34 -9.37
CA VAL B 165 4.41 1.96 -9.40
C VAL B 165 3.81 1.14 -8.26
N THR B 166 3.47 -0.11 -8.55
CA THR B 166 2.96 -1.02 -7.52
C THR B 166 4.12 -1.66 -6.75
N GLU B 167 3.79 -2.33 -5.66
CA GLU B 167 4.76 -3.14 -4.92
C GLU B 167 5.00 -4.45 -5.67
N GLN B 168 6.08 -5.14 -5.33
CA GLN B 168 6.41 -6.40 -5.98
C GLN B 168 5.31 -7.42 -5.77
N ASP B 169 4.85 -8.03 -6.86
CA ASP B 169 3.73 -8.95 -6.79
C ASP B 169 4.09 -10.22 -6.04
N SER B 170 3.22 -10.61 -5.11
CA SER B 170 3.50 -11.74 -4.22
C SER B 170 3.57 -13.09 -4.95
N LYS B 171 3.14 -13.12 -6.20
CA LYS B 171 3.07 -14.39 -6.93
C LYS B 171 4.08 -14.52 -8.07
N ASP B 172 4.36 -13.44 -8.79
CA ASP B 172 5.32 -13.51 -9.89
C ASP B 172 6.52 -12.58 -9.71
N SER B 173 6.56 -11.90 -8.57
CA SER B 173 7.70 -11.05 -8.20
C SER B 173 7.99 -9.93 -9.20
N THR B 174 6.96 -9.44 -9.87
CA THR B 174 7.15 -8.37 -10.85
C THR B 174 6.53 -7.05 -10.40
N TYR B 175 6.87 -5.99 -11.13
CA TYR B 175 6.29 -4.68 -10.87
C TYR B 175 5.39 -4.26 -12.03
N SER B 176 4.50 -3.32 -11.76
CA SER B 176 3.70 -2.72 -12.82
C SER B 176 3.74 -1.20 -12.69
N LEU B 177 3.69 -0.50 -13.82
CA LEU B 177 3.80 0.96 -13.82
C LEU B 177 2.70 1.62 -14.65
N SER B 178 2.08 2.63 -14.07
CA SER B 178 1.09 3.43 -14.77
C SER B 178 1.64 4.82 -15.03
N SER B 179 1.69 5.20 -16.31
CA SER B 179 2.11 6.56 -16.66
C SER B 179 0.94 7.30 -17.28
N THR B 180 0.59 8.44 -16.68
CA THR B 180 -0.58 9.19 -17.11
C THR B 180 -0.21 10.56 -17.68
N LEU B 181 -0.52 10.77 -18.96
CA LEU B 181 -0.32 12.06 -19.61
C LEU B 181 -1.61 12.88 -19.53
N THR B 182 -1.53 14.05 -18.88
CA THR B 182 -2.71 14.89 -18.72
C THR B 182 -2.63 16.16 -19.54
N LEU B 183 -3.57 16.30 -20.48
CA LEU B 183 -3.67 17.47 -21.33
C LEU B 183 -5.07 18.08 -21.25
N SER B 184 -5.17 19.36 -21.56
CA SER B 184 -6.48 19.97 -21.74
C SER B 184 -7.11 19.36 -22.99
N LYS B 185 -8.44 19.39 -23.06
CA LYS B 185 -9.14 18.83 -24.21
C LYS B 185 -8.69 19.52 -25.50
N ALA B 186 -8.51 20.83 -25.42
CA ALA B 186 -8.06 21.62 -26.57
C ALA B 186 -6.68 21.16 -27.04
N ASP B 187 -5.76 20.95 -26.11
CA ASP B 187 -4.45 20.41 -26.44
C ASP B 187 -4.56 19.05 -27.11
N TYR B 188 -5.44 18.22 -26.55
CA TYR B 188 -5.60 16.85 -27.03
C TYR B 188 -6.10 16.77 -28.47
N GLU B 189 -7.04 17.64 -28.84
CA GLU B 189 -7.67 17.57 -30.15
C GLU B 189 -6.84 18.22 -31.25
N LYS B 190 -5.87 19.04 -30.85
CA LYS B 190 -5.02 19.72 -31.82
C LYS B 190 -4.00 18.74 -32.41
N HIS B 191 -3.75 17.65 -31.70
CA HIS B 191 -2.75 16.68 -32.13
C HIS B 191 -3.34 15.38 -32.67
N LYS B 192 -2.50 14.60 -33.34
CA LYS B 192 -2.95 13.46 -34.14
C LYS B 192 -2.53 12.12 -33.54
N VAL B 193 -1.26 12.00 -33.16
CA VAL B 193 -0.72 10.75 -32.66
C VAL B 193 -0.24 10.88 -31.22
N TYR B 194 -0.52 9.85 -30.42
CA TYR B 194 -0.02 9.79 -29.05
C TYR B 194 0.69 8.47 -28.83
N ALA B 195 1.94 8.54 -28.36
CA ALA B 195 2.77 7.35 -28.24
C ALA B 195 3.43 7.24 -26.88
N CYS B 196 3.66 6.00 -26.46
CA CYS B 196 4.35 5.69 -25.22
C CYS B 196 5.59 4.85 -25.52
N GLU B 197 6.77 5.46 -25.39
CA GLU B 197 8.02 4.76 -25.66
C GLU B 197 8.64 4.20 -24.37
N VAL B 198 8.85 2.89 -24.34
CA VAL B 198 9.25 2.21 -23.11
C VAL B 198 10.65 1.58 -23.19
N THR B 199 11.50 1.96 -22.24
CA THR B 199 12.85 1.41 -22.16
C THR B 199 12.99 0.51 -20.94
N HIS B 200 13.50 -0.70 -21.13
CA HIS B 200 13.69 -1.67 -20.06
C HIS B 200 14.73 -2.70 -20.49
N GLN B 201 15.53 -3.18 -19.55
CA GLN B 201 16.62 -4.09 -19.88
C GLN B 201 16.11 -5.45 -20.37
N GLY B 202 14.83 -5.72 -20.16
CA GLY B 202 14.20 -6.91 -20.71
C GLY B 202 13.89 -6.74 -22.18
N LEU B 203 14.06 -5.52 -22.68
CA LEU B 203 13.81 -5.22 -24.08
C LEU B 203 15.12 -5.03 -24.85
N SER B 204 15.19 -5.64 -26.04
CA SER B 204 16.36 -5.49 -26.91
C SER B 204 16.46 -4.05 -27.38
N SER B 205 15.31 -3.43 -27.57
CA SER B 205 15.22 -2.05 -28.00
C SER B 205 13.90 -1.47 -27.47
N PRO B 206 13.85 -0.14 -27.30
CA PRO B 206 12.64 0.55 -26.86
C PRO B 206 11.36 0.09 -27.56
N VAL B 207 10.28 -0.04 -26.79
CA VAL B 207 8.99 -0.45 -27.32
C VAL B 207 8.03 0.73 -27.34
N THR B 208 7.32 0.90 -28.45
CA THR B 208 6.36 1.99 -28.59
C THR B 208 4.94 1.46 -28.74
N LYS B 209 4.05 1.95 -27.89
CA LYS B 209 2.61 1.72 -28.05
C LYS B 209 1.93 3.04 -28.35
N SER B 210 1.46 3.20 -29.59
CA SER B 210 0.90 4.46 -30.03
C SER B 210 -0.53 4.28 -30.53
N PHE B 211 -1.28 5.38 -30.57
CA PHE B 211 -2.59 5.34 -31.20
C PHE B 211 -2.90 6.66 -31.89
N ASN B 212 -3.55 6.59 -33.04
CA ASN B 212 -4.12 7.76 -33.66
C ASN B 212 -5.47 8.04 -33.03
N ARG B 213 -5.79 9.32 -32.87
CA ARG B 213 -7.03 9.72 -32.22
C ARG B 213 -8.24 9.12 -32.93
N GLY B 214 -8.96 8.25 -32.24
CA GLY B 214 -10.20 7.69 -32.76
C GLY B 214 -10.12 6.26 -33.27
N GLU B 215 -8.93 5.67 -33.33
CA GLU B 215 -8.80 4.31 -33.82
C GLU B 215 -9.11 3.28 -32.74
N CYS B 216 -9.65 2.14 -33.16
CA CYS B 216 -10.01 1.04 -32.27
C CYS B 216 -11.01 1.47 -31.21
#